data_3BE9
#
_entry.id   3BE9
#
_cell.length_a   143.327
_cell.length_b   59.578
_cell.length_c   44.835
_cell.angle_alpha   90.0
_cell.angle_beta   103.419
_cell.angle_gamma   90.0
#
_symmetry.space_group_name_H-M   'C 1 2 1'
#
loop_
_entity.id
_entity.type
_entity.pdbx_description
1 polymer 'Casein kinase II subunit alpha'
2 non-polymer 19-(cyclopropylamino)-4,6,7,15-tetrahydro-5H-16,1-(azenometheno)-10,14-(metheno)pyrazolo[4,3-o][1,3,9]triazacyclohexadecin-8(9H)-one
3 water water
#
_entity_poly.entity_id   1
_entity_poly.type   'polypeptide(L)'
_entity_poly.pdbx_seq_one_letter_code
;MGSSHHHHHHSSGLVPRGSHMSKARVYADVNVLRPKEYWDYEALTVQWGEQDDYEVVRKVGRGKYSEVFEGINVNNNEKC
IIKILKPVKKKKIKREIKILQNL(CSO)GGPNIVKLLDIVRDQHSKTPSLIFEYVNNTDFKVLYPTLTDYDIRYYIYELL
KALDYCHSQGIMHRDVKPHNVMIDHELRKLRLIDWGLAEFYHPGKEYNVRVASRYFKGPELLVDLQDYDYSLDMWSLGCM
FAGMIFRKEPFFYGHDNHDQLVKIAKVLGTDGLNAYLNKYRIELDPQLEALVGRHSRKPWLKFMNADNQHLVSPEAIDFL
DKLLRYDHQERLTALEAMTHPYFQQVRAAENSRTRA
;
_entity_poly.pdbx_strand_id   A
#
# COMPACT_ATOMS: atom_id res chain seq x y z
N MET A 21 9.76 16.29 15.60
CA MET A 21 9.82 16.61 14.15
C MET A 21 10.41 15.45 13.37
N SER A 22 9.56 14.79 12.58
CA SER A 22 10.01 13.65 11.79
C SER A 22 9.98 13.96 10.30
N LYS A 23 10.93 13.41 9.56
CA LYS A 23 10.98 13.61 8.13
C LYS A 23 11.47 12.31 7.51
N ALA A 24 11.19 12.14 6.22
CA ALA A 24 11.61 10.95 5.50
C ALA A 24 13.12 10.94 5.37
N ARG A 25 13.73 9.76 5.48
CA ARG A 25 15.18 9.65 5.36
C ARG A 25 15.62 9.67 3.90
N VAL A 26 14.67 9.53 2.99
CA VAL A 26 14.97 9.56 1.56
C VAL A 26 13.85 10.26 0.81
N TYR A 27 14.15 10.73 -0.41
CA TYR A 27 13.18 11.40 -1.25
C TYR A 27 12.41 12.50 -0.54
N ALA A 28 13.02 13.12 0.45
CA ALA A 28 12.32 14.16 1.20
C ALA A 28 12.07 15.44 0.41
N ASP A 29 12.99 15.80 -0.47
CA ASP A 29 12.86 17.04 -1.24
C ASP A 29 12.38 16.87 -2.68
N VAL A 30 11.78 15.73 -2.99
CA VAL A 30 11.30 15.49 -4.34
C VAL A 30 10.30 16.55 -4.80
N ASN A 31 9.28 16.81 -3.99
CA ASN A 31 8.30 17.80 -4.37
C ASN A 31 8.83 19.23 -4.24
N VAL A 32 9.84 19.41 -3.42
CA VAL A 32 10.44 20.72 -3.24
C VAL A 32 11.15 21.14 -4.54
N LEU A 33 11.89 20.21 -5.13
CA LEU A 33 12.64 20.48 -6.35
C LEU A 33 11.85 20.48 -7.65
N ARG A 34 10.67 19.89 -7.65
CA ARG A 34 9.87 19.86 -8.88
C ARG A 34 8.99 21.09 -9.00
N PRO A 35 8.54 21.41 -10.22
CA PRO A 35 7.69 22.59 -10.37
C PRO A 35 6.40 22.42 -9.58
N LYS A 36 5.87 23.54 -9.10
CA LYS A 36 4.66 23.56 -8.31
C LYS A 36 3.50 22.81 -8.96
N GLU A 37 3.45 22.82 -10.29
CA GLU A 37 2.37 22.14 -11.02
C GLU A 37 2.34 20.64 -10.73
N TYR A 38 3.49 20.05 -10.47
CA TYR A 38 3.58 18.62 -10.19
C TYR A 38 2.76 18.17 -8.98
N TRP A 39 2.88 18.89 -7.87
CA TRP A 39 2.16 18.53 -6.65
C TRP A 39 0.95 19.38 -6.30
N ASP A 40 0.80 20.54 -6.91
CA ASP A 40 -0.34 21.40 -6.63
C ASP A 40 -1.54 20.86 -7.41
N TYR A 41 -1.95 19.65 -7.04
CA TYR A 41 -3.06 18.99 -7.72
C TYR A 41 -4.36 19.77 -7.80
N GLU A 42 -4.58 20.73 -6.91
CA GLU A 42 -5.81 21.50 -6.97
C GLU A 42 -5.84 22.48 -8.15
N ALA A 43 -4.68 22.67 -8.79
CA ALA A 43 -4.60 23.56 -9.94
C ALA A 43 -4.90 22.75 -11.20
N LEU A 44 -5.16 21.45 -11.00
CA LEU A 44 -5.47 20.55 -12.11
C LEU A 44 -6.79 20.87 -12.80
N THR A 45 -6.75 20.85 -14.12
CA THR A 45 -7.95 21.08 -14.92
C THR A 45 -8.19 19.75 -15.63
N VAL A 46 -9.19 19.02 -15.18
CA VAL A 46 -9.50 17.72 -15.75
C VAL A 46 -10.03 17.75 -17.18
N GLN A 47 -9.38 16.96 -18.04
CA GLN A 47 -9.78 16.84 -19.43
C GLN A 47 -10.62 15.58 -19.54
N TRP A 48 -11.90 15.72 -19.87
CA TRP A 48 -12.79 14.56 -19.95
C TRP A 48 -12.85 13.93 -21.34
N GLY A 49 -12.91 12.60 -21.37
CA GLY A 49 -13.01 11.88 -22.63
C GLY A 49 -14.46 11.59 -22.93
N GLU A 50 -14.74 10.56 -23.73
CA GLU A 50 -16.12 10.23 -24.04
C GLU A 50 -16.55 9.03 -23.22
N GLN A 51 -17.60 9.23 -22.44
CA GLN A 51 -18.12 8.19 -21.59
C GLN A 51 -18.73 6.99 -22.32
N ASP A 52 -19.11 7.17 -23.58
CA ASP A 52 -19.68 6.05 -24.33
C ASP A 52 -18.59 5.16 -24.90
N ASP A 53 -17.34 5.62 -24.80
CA ASP A 53 -16.21 4.85 -25.30
C ASP A 53 -15.99 3.58 -24.50
N TYR A 54 -16.60 3.50 -23.32
CA TYR A 54 -16.40 2.34 -22.47
C TYR A 54 -17.71 1.71 -22.03
N GLU A 55 -17.89 0.45 -22.41
CA GLU A 55 -19.10 -0.28 -22.05
C GLU A 55 -18.87 -1.21 -20.87
N VAL A 56 -19.84 -1.21 -19.96
CA VAL A 56 -19.77 -2.06 -18.77
C VAL A 56 -20.13 -3.49 -19.10
N VAL A 57 -19.27 -4.42 -18.70
CA VAL A 57 -19.53 -5.83 -18.94
C VAL A 57 -20.14 -6.43 -17.67
N ARG A 58 -19.47 -6.24 -16.54
CA ARG A 58 -19.96 -6.75 -15.26
C ARG A 58 -19.19 -6.17 -14.09
N LYS A 59 -19.82 -6.18 -12.92
CA LYS A 59 -19.21 -5.67 -11.70
C LYS A 59 -18.18 -6.67 -11.21
N VAL A 60 -17.04 -6.18 -10.73
CA VAL A 60 -15.99 -7.06 -10.25
C VAL A 60 -15.52 -6.72 -8.86
N GLY A 61 -15.84 -5.50 -8.42
CA GLY A 61 -15.42 -5.10 -7.09
C GLY A 61 -16.14 -3.86 -6.61
N ARG A 62 -15.71 -3.36 -5.46
CA ARG A 62 -16.30 -2.18 -4.88
C ARG A 62 -15.50 -1.68 -3.69
N GLY A 63 -15.78 -0.44 -3.30
CA GLY A 63 -15.11 0.17 -2.17
C GLY A 63 -16.12 1.13 -1.60
N LYS A 64 -15.85 1.75 -0.45
CA LYS A 64 -16.83 2.67 0.08
C LYS A 64 -16.87 3.95 -0.76
N TYR A 65 -15.91 4.08 -1.68
CA TYR A 65 -15.85 5.25 -2.54
C TYR A 65 -16.18 4.97 -4.01
N SER A 66 -16.46 3.73 -4.36
CA SER A 66 -16.76 3.44 -5.76
C SER A 66 -17.27 2.05 -6.06
N GLU A 67 -17.64 1.87 -7.32
CA GLU A 67 -18.12 0.59 -7.84
C GLU A 67 -17.19 0.28 -9.01
N VAL A 68 -16.68 -0.94 -9.06
CA VAL A 68 -15.73 -1.33 -10.10
C VAL A 68 -16.27 -2.40 -11.04
N PHE A 69 -16.13 -2.14 -12.33
CA PHE A 69 -16.63 -3.07 -13.34
C PHE A 69 -15.62 -3.44 -14.41
N GLU A 70 -15.81 -4.62 -14.98
CA GLU A 70 -14.97 -5.07 -16.07
C GLU A 70 -15.67 -4.37 -17.23
N GLY A 71 -14.90 -3.76 -18.12
CA GLY A 71 -15.52 -3.08 -19.23
C GLY A 71 -14.78 -3.33 -20.52
N ILE A 72 -15.27 -2.72 -21.60
CA ILE A 72 -14.62 -2.86 -22.89
C ILE A 72 -14.55 -1.53 -23.63
N ASN A 73 -13.37 -1.21 -24.13
CA ASN A 73 -13.13 0.02 -24.89
C ASN A 73 -13.77 -0.24 -26.25
N VAL A 74 -14.85 0.48 -26.56
CA VAL A 74 -15.54 0.27 -27.85
C VAL A 74 -14.69 0.57 -29.07
N ASN A 75 -13.58 1.28 -28.86
CA ASN A 75 -12.69 1.62 -29.97
C ASN A 75 -11.84 0.42 -30.39
N ASN A 76 -11.02 -0.07 -29.48
CA ASN A 76 -10.14 -1.19 -29.77
C ASN A 76 -10.64 -2.55 -29.31
N ASN A 77 -11.84 -2.59 -28.74
CA ASN A 77 -12.42 -3.85 -28.27
C ASN A 77 -11.54 -4.56 -27.24
N GLU A 78 -10.74 -3.78 -26.51
CA GLU A 78 -9.88 -4.36 -25.48
C GLU A 78 -10.49 -4.19 -24.09
N LYS A 79 -10.13 -5.09 -23.19
CA LYS A 79 -10.66 -5.05 -21.83
C LYS A 79 -10.12 -3.85 -21.07
N CYS A 80 -10.86 -3.43 -20.06
CA CYS A 80 -10.47 -2.31 -19.21
C CYS A 80 -11.24 -2.43 -17.92
N ILE A 81 -10.87 -1.61 -16.94
CA ILE A 81 -11.56 -1.59 -15.66
C ILE A 81 -12.16 -0.21 -15.51
N ILE A 82 -13.45 -0.19 -15.20
CA ILE A 82 -14.18 1.05 -15.03
C ILE A 82 -14.45 1.24 -13.55
N LYS A 83 -13.88 2.30 -12.99
CA LYS A 83 -14.05 2.63 -11.58
C LYS A 83 -15.00 3.81 -11.50
N ILE A 84 -16.26 3.54 -11.18
CA ILE A 84 -17.25 4.60 -11.07
C ILE A 84 -17.22 5.15 -9.65
N LEU A 85 -16.98 6.46 -9.55
CA LEU A 85 -16.88 7.10 -8.24
C LEU A 85 -18.21 7.55 -7.64
N LYS A 86 -18.32 7.39 -6.32
CA LYS A 86 -19.51 7.82 -5.60
C LYS A 86 -19.25 9.29 -5.30
N PRO A 87 -20.29 10.03 -4.88
CA PRO A 87 -20.11 11.46 -4.59
C PRO A 87 -18.79 11.72 -3.86
N VAL A 88 -17.92 12.49 -4.48
CA VAL A 88 -16.62 12.81 -3.88
C VAL A 88 -16.25 14.27 -4.11
N LYS A 89 -15.61 14.88 -3.13
CA LYS A 89 -15.21 16.28 -3.23
C LYS A 89 -14.24 16.52 -4.38
N LYS A 90 -14.38 17.67 -5.02
CA LYS A 90 -13.52 18.04 -6.14
C LYS A 90 -12.03 17.89 -5.81
N LYS A 91 -11.64 18.35 -4.62
CA LYS A 91 -10.24 18.29 -4.19
C LYS A 91 -9.71 16.85 -4.15
N LYS A 92 -10.47 15.97 -3.51
CA LYS A 92 -10.06 14.58 -3.37
C LYS A 92 -9.91 13.86 -4.71
N ILE A 93 -10.83 14.12 -5.64
CA ILE A 93 -10.76 13.48 -6.94
C ILE A 93 -9.59 13.98 -7.79
N LYS A 94 -9.25 15.26 -7.65
CA LYS A 94 -8.13 15.80 -8.40
C LYS A 94 -6.82 15.21 -7.91
N ARG A 95 -6.78 14.86 -6.62
CA ARG A 95 -5.58 14.27 -6.02
C ARG A 95 -5.30 12.88 -6.61
N GLU A 96 -6.32 12.04 -6.66
CA GLU A 96 -6.15 10.70 -7.20
C GLU A 96 -5.72 10.77 -8.66
N ILE A 97 -6.40 11.62 -9.42
CA ILE A 97 -6.09 11.80 -10.83
C ILE A 97 -4.67 12.31 -11.06
N LYS A 98 -4.33 13.40 -10.39
CA LYS A 98 -2.99 13.97 -10.52
C LYS A 98 -1.93 12.92 -10.20
N ILE A 99 -2.12 12.23 -9.09
CA ILE A 99 -1.18 11.19 -8.68
C ILE A 99 -1.07 10.10 -9.72
N LEU A 100 -2.20 9.66 -10.27
CA LEU A 100 -2.19 8.62 -11.30
C LEU A 100 -1.45 9.09 -12.54
N GLN A 101 -1.67 10.34 -12.92
CA GLN A 101 -1.00 10.89 -14.10
C GLN A 101 0.49 11.02 -13.83
N ASN A 102 0.85 11.48 -12.64
CA ASN A 102 2.26 11.63 -12.29
C ASN A 102 2.99 10.29 -12.30
N LEU A 103 2.30 9.22 -11.90
CA LEU A 103 2.93 7.92 -11.85
C LEU A 103 2.77 7.05 -13.10
N GLY A 105 3.16 5.00 -16.14
CA GLY A 105 4.38 4.60 -16.82
C GLY A 105 5.43 3.99 -15.89
N GLY A 106 5.33 4.26 -14.60
CA GLY A 106 6.29 3.71 -13.65
C GLY A 106 6.17 2.22 -13.49
N PRO A 107 7.23 1.54 -13.01
CA PRO A 107 7.25 0.08 -12.81
C PRO A 107 6.05 -0.42 -12.02
N ASN A 108 5.26 -1.29 -12.65
CA ASN A 108 4.08 -1.89 -12.04
C ASN A 108 3.03 -0.94 -11.46
N ILE A 109 2.95 0.28 -11.97
CA ILE A 109 1.94 1.21 -11.50
C ILE A 109 0.74 1.03 -12.42
N VAL A 110 -0.45 0.87 -11.83
CA VAL A 110 -1.65 0.71 -12.63
C VAL A 110 -1.74 1.89 -13.60
N LYS A 111 -2.22 1.65 -14.81
CA LYS A 111 -2.34 2.72 -15.79
C LYS A 111 -3.72 3.32 -15.94
N LEU A 112 -3.80 4.64 -15.75
CA LEU A 112 -5.04 5.38 -15.90
C LEU A 112 -5.10 5.67 -17.41
N LEU A 113 -6.12 5.12 -18.07
CA LEU A 113 -6.27 5.29 -19.52
C LEU A 113 -7.20 6.44 -19.93
N ASP A 114 -8.25 6.68 -19.16
CA ASP A 114 -9.19 7.75 -19.50
C ASP A 114 -9.95 8.23 -18.28
N ILE A 115 -10.60 9.38 -18.42
CA ILE A 115 -11.39 9.97 -17.34
C ILE A 115 -12.68 10.48 -17.99
N VAL A 116 -13.81 9.92 -17.60
CA VAL A 116 -15.10 10.33 -18.16
C VAL A 116 -16.11 10.66 -17.06
N ARG A 117 -17.24 11.23 -17.46
CA ARG A 117 -18.28 11.59 -16.51
C ARG A 117 -19.64 11.55 -17.17
N ASP A 118 -20.67 11.25 -16.38
CA ASP A 118 -22.02 11.23 -16.90
C ASP A 118 -22.50 12.68 -16.86
N GLN A 119 -22.94 13.20 -18.01
CA GLN A 119 -23.38 14.58 -18.10
C GLN A 119 -24.46 14.99 -17.09
N HIS A 120 -25.57 14.24 -17.09
CA HIS A 120 -26.69 14.54 -16.20
C HIS A 120 -26.38 14.45 -14.71
N SER A 121 -25.75 13.36 -14.30
CA SER A 121 -25.44 13.16 -12.88
C SER A 121 -24.08 13.68 -12.44
N LYS A 122 -23.18 13.87 -13.41
CA LYS A 122 -21.84 14.34 -13.13
C LYS A 122 -21.04 13.24 -12.42
N THR A 123 -21.52 12.01 -12.54
CA THR A 123 -20.85 10.87 -11.94
C THR A 123 -19.59 10.56 -12.75
N PRO A 124 -18.40 10.70 -12.14
CA PRO A 124 -17.15 10.43 -12.84
C PRO A 124 -16.70 8.98 -12.77
N SER A 125 -15.97 8.55 -13.81
CA SER A 125 -15.44 7.20 -13.88
C SER A 125 -14.00 7.30 -14.34
N LEU A 126 -13.14 6.49 -13.74
CA LEU A 126 -11.73 6.46 -14.11
C LEU A 126 -11.54 5.14 -14.83
N ILE A 127 -10.97 5.20 -16.03
CA ILE A 127 -10.75 3.99 -16.83
C ILE A 127 -9.31 3.52 -16.68
N PHE A 128 -9.14 2.25 -16.32
CA PHE A 128 -7.83 1.66 -16.10
C PHE A 128 -7.61 0.41 -16.93
N GLU A 129 -6.33 0.02 -17.03
CA GLU A 129 -5.95 -1.18 -17.74
C GLU A 129 -6.61 -2.33 -16.99
N TYR A 130 -6.79 -3.45 -17.67
CA TYR A 130 -7.41 -4.62 -17.07
C TYR A 130 -6.37 -5.65 -16.66
N VAL A 131 -6.53 -6.25 -15.49
CA VAL A 131 -5.61 -7.28 -15.04
C VAL A 131 -6.41 -8.51 -14.63
N ASN A 132 -6.05 -9.66 -15.20
CA ASN A 132 -6.74 -10.91 -14.87
C ASN A 132 -6.28 -11.38 -13.50
N ASN A 133 -6.72 -10.67 -12.47
CA ASN A 133 -6.35 -10.98 -11.10
C ASN A 133 -7.02 -12.21 -10.50
N THR A 134 -6.35 -12.80 -9.51
CA THR A 134 -6.89 -13.97 -8.81
C THR A 134 -7.01 -13.58 -7.34
N ASP A 135 -8.20 -13.70 -6.79
CA ASP A 135 -8.44 -13.37 -5.39
C ASP A 135 -7.25 -13.83 -4.53
N PHE A 136 -6.60 -12.89 -3.86
CA PHE A 136 -5.44 -13.23 -3.04
C PHE A 136 -5.74 -14.32 -2.03
N LYS A 137 -6.98 -14.37 -1.56
CA LYS A 137 -7.35 -15.39 -0.59
C LYS A 137 -7.20 -16.78 -1.19
N VAL A 138 -7.31 -16.88 -2.51
CA VAL A 138 -7.17 -18.15 -3.21
C VAL A 138 -5.77 -18.30 -3.80
N LEU A 139 -5.20 -17.19 -4.27
CA LEU A 139 -3.88 -17.22 -4.88
C LEU A 139 -2.73 -17.49 -3.91
N TYR A 140 -2.56 -16.61 -2.93
CA TYR A 140 -1.47 -16.74 -1.96
C TYR A 140 -1.14 -18.11 -1.40
N PRO A 141 -2.16 -18.89 -0.99
CA PRO A 141 -1.85 -20.22 -0.47
C PRO A 141 -1.12 -21.12 -1.45
N THR A 142 -1.21 -20.83 -2.74
CA THR A 142 -0.55 -21.64 -3.75
C THR A 142 0.83 -21.12 -4.13
N LEU A 143 1.14 -19.89 -3.75
CA LEU A 143 2.44 -19.31 -4.08
C LEU A 143 3.60 -20.10 -3.47
N THR A 144 4.62 -20.37 -4.27
CA THR A 144 5.80 -21.08 -3.80
C THR A 144 6.72 -20.08 -3.10
N ASP A 145 7.75 -20.59 -2.45
CA ASP A 145 8.71 -19.75 -1.76
C ASP A 145 9.19 -18.69 -2.74
N TYR A 146 9.64 -19.14 -3.91
CA TYR A 146 10.16 -18.22 -4.92
C TYR A 146 9.11 -17.23 -5.40
N ASP A 147 7.87 -17.69 -5.58
CA ASP A 147 6.78 -16.83 -6.04
C ASP A 147 6.60 -15.64 -5.11
N ILE A 148 6.67 -15.89 -3.81
CA ILE A 148 6.51 -14.84 -2.84
C ILE A 148 7.63 -13.81 -3.00
N ARG A 149 8.87 -14.30 -3.10
CA ARG A 149 10.02 -13.41 -3.26
C ARG A 149 9.85 -12.61 -4.54
N TYR A 150 9.41 -13.29 -5.58
CA TYR A 150 9.21 -12.66 -6.87
C TYR A 150 8.19 -11.52 -6.84
N TYR A 151 6.98 -11.83 -6.40
CA TYR A 151 5.93 -10.82 -6.37
C TYR A 151 6.20 -9.67 -5.41
N ILE A 152 6.79 -9.97 -4.25
CA ILE A 152 7.10 -8.91 -3.30
C ILE A 152 8.10 -7.95 -3.93
N TYR A 153 9.10 -8.51 -4.63
CA TYR A 153 10.11 -7.70 -5.30
C TYR A 153 9.42 -6.79 -6.31
N GLU A 154 8.44 -7.34 -7.01
CA GLU A 154 7.71 -6.57 -8.01
C GLU A 154 6.92 -5.43 -7.36
N LEU A 155 6.32 -5.71 -6.21
CA LEU A 155 5.56 -4.70 -5.49
C LEU A 155 6.53 -3.61 -5.01
N LEU A 156 7.71 -4.03 -4.56
CA LEU A 156 8.73 -3.10 -4.09
C LEU A 156 9.13 -2.12 -5.18
N LYS A 157 9.26 -2.60 -6.41
CA LYS A 157 9.62 -1.74 -7.53
C LYS A 157 8.59 -0.60 -7.64
N ALA A 158 7.32 -0.95 -7.43
CA ALA A 158 6.26 0.06 -7.52
C ALA A 158 6.36 1.07 -6.38
N LEU A 159 6.65 0.58 -5.17
CA LEU A 159 6.75 1.46 -4.02
C LEU A 159 7.96 2.38 -4.10
N ASP A 160 9.12 1.85 -4.46
CA ASP A 160 10.28 2.71 -4.56
C ASP A 160 10.04 3.77 -5.63
N TYR A 161 9.38 3.36 -6.71
CA TYR A 161 9.10 4.32 -7.76
C TYR A 161 8.18 5.45 -7.28
N CYS A 162 7.03 5.11 -6.70
CA CYS A 162 6.13 6.18 -6.27
C CYS A 162 6.78 7.04 -5.19
N HIS A 163 7.51 6.41 -4.28
CA HIS A 163 8.19 7.17 -3.23
C HIS A 163 9.20 8.11 -3.87
N SER A 164 9.94 7.62 -4.87
CA SER A 164 10.94 8.44 -5.55
C SER A 164 10.25 9.56 -6.30
N GLN A 165 8.95 9.42 -6.54
CA GLN A 165 8.19 10.46 -7.24
C GLN A 165 7.45 11.34 -6.24
N GLY A 166 7.85 11.25 -4.97
CA GLY A 166 7.25 12.06 -3.92
C GLY A 166 5.85 11.67 -3.51
N ILE A 167 5.49 10.41 -3.70
CA ILE A 167 4.15 9.97 -3.35
C ILE A 167 4.03 8.77 -2.43
N MET A 168 3.16 8.90 -1.44
CA MET A 168 2.87 7.85 -0.47
C MET A 168 1.57 7.19 -0.91
N HIS A 169 1.56 5.86 -1.03
CA HIS A 169 0.33 5.17 -1.44
C HIS A 169 -0.70 5.19 -0.32
N ARG A 170 -0.24 4.92 0.90
CA ARG A 170 -1.07 4.91 2.11
C ARG A 170 -2.21 3.91 2.21
N ASP A 171 -2.22 2.87 1.36
CA ASP A 171 -3.27 1.85 1.45
C ASP A 171 -2.79 0.53 0.86
N VAL A 172 -1.54 0.20 1.13
CA VAL A 172 -0.96 -1.03 0.63
C VAL A 172 -1.63 -2.19 1.33
N LYS A 173 -2.11 -3.15 0.55
CA LYS A 173 -2.77 -4.35 1.08
C LYS A 173 -2.99 -5.29 -0.10
N PRO A 174 -3.19 -6.58 0.16
CA PRO A 174 -3.40 -7.54 -0.93
C PRO A 174 -4.45 -7.09 -1.94
N HIS A 175 -5.54 -6.49 -1.45
CA HIS A 175 -6.63 -6.02 -2.30
C HIS A 175 -6.19 -4.96 -3.32
N ASN A 176 -5.11 -4.26 -3.03
CA ASN A 176 -4.64 -3.23 -3.94
C ASN A 176 -3.43 -3.67 -4.74
N VAL A 177 -3.23 -4.99 -4.79
CA VAL A 177 -2.15 -5.57 -5.55
C VAL A 177 -2.76 -6.60 -6.50
N MET A 178 -2.99 -6.20 -7.73
CA MET A 178 -3.57 -7.09 -8.75
C MET A 178 -2.48 -8.00 -9.29
N ILE A 179 -2.80 -9.28 -9.43
CA ILE A 179 -1.83 -10.22 -9.95
C ILE A 179 -2.39 -11.22 -10.94
N ASP A 180 -1.81 -11.24 -12.13
CA ASP A 180 -2.20 -12.20 -13.15
C ASP A 180 -1.10 -13.25 -12.98
N HIS A 181 -1.38 -14.29 -12.21
CA HIS A 181 -0.40 -15.32 -11.93
C HIS A 181 0.17 -16.02 -13.16
N GLU A 182 -0.65 -16.18 -14.18
CA GLU A 182 -0.22 -16.82 -15.43
C GLU A 182 0.88 -16.01 -16.10
N LEU A 183 0.63 -14.73 -16.28
CA LEU A 183 1.60 -13.84 -16.92
C LEU A 183 2.62 -13.31 -15.93
N ARG A 184 2.42 -13.66 -14.65
CA ARG A 184 3.31 -13.20 -13.60
C ARG A 184 3.49 -11.68 -13.69
N LYS A 185 2.37 -10.99 -13.88
CA LYS A 185 2.35 -9.54 -13.97
C LYS A 185 1.69 -9.01 -12.71
N LEU A 186 2.21 -7.91 -12.17
CA LEU A 186 1.67 -7.32 -10.95
C LEU A 186 1.49 -5.82 -11.11
N ARG A 187 0.42 -5.31 -10.51
CA ARG A 187 0.13 -3.88 -10.57
C ARG A 187 -0.37 -3.37 -9.22
N LEU A 188 0.18 -2.25 -8.77
CA LEU A 188 -0.25 -1.65 -7.52
C LEU A 188 -1.38 -0.70 -7.90
N ILE A 189 -2.57 -0.98 -7.38
CA ILE A 189 -3.75 -0.19 -7.72
C ILE A 189 -4.36 0.68 -6.60
N ASP A 190 -5.41 1.39 -7.00
CA ASP A 190 -6.20 2.27 -6.16
C ASP A 190 -5.40 3.29 -5.36
N TRP A 191 -5.14 4.42 -6.00
CA TRP A 191 -4.39 5.50 -5.39
C TRP A 191 -5.30 6.58 -4.81
N GLY A 192 -6.49 6.15 -4.38
CA GLY A 192 -7.46 7.06 -3.80
C GLY A 192 -7.09 7.61 -2.42
N LEU A 193 -6.19 6.92 -1.72
CA LEU A 193 -5.78 7.38 -0.41
C LEU A 193 -4.36 7.96 -0.44
N ALA A 194 -3.73 7.92 -1.62
CA ALA A 194 -2.36 8.40 -1.76
C ALA A 194 -2.25 9.91 -1.54
N GLU A 195 -1.05 10.36 -1.19
CA GLU A 195 -0.80 11.79 -0.97
C GLU A 195 0.63 12.13 -1.34
N PHE A 196 0.87 13.40 -1.61
CA PHE A 196 2.20 13.88 -1.93
C PHE A 196 2.90 14.08 -0.60
N TYR A 197 4.19 13.75 -0.55
CA TYR A 197 4.95 13.95 0.68
C TYR A 197 5.62 15.32 0.69
N HIS A 198 5.42 16.07 1.76
CA HIS A 198 6.05 17.40 1.93
C HIS A 198 6.69 17.37 3.33
N PRO A 199 8.00 17.60 3.42
CA PRO A 199 8.68 17.59 4.72
C PRO A 199 7.93 18.32 5.82
N GLY A 200 7.72 17.63 6.94
CA GLY A 200 7.04 18.22 8.08
C GLY A 200 5.54 18.35 8.04
N LYS A 201 4.90 18.04 6.91
CA LYS A 201 3.45 18.16 6.84
C LYS A 201 2.73 17.15 7.72
N GLU A 202 1.63 17.57 8.33
CA GLU A 202 0.86 16.69 9.19
C GLU A 202 -0.29 16.08 8.40
N TYR A 203 -0.28 14.76 8.26
CA TYR A 203 -1.34 14.10 7.50
C TYR A 203 -2.41 13.48 8.37
N ASN A 204 -3.53 13.17 7.73
CA ASN A 204 -4.67 12.55 8.38
C ASN A 204 -4.23 11.12 8.65
N VAL A 205 -4.48 10.61 9.85
CA VAL A 205 -4.08 9.24 10.15
C VAL A 205 -5.19 8.26 9.80
N ARG A 206 -6.29 8.78 9.28
CA ARG A 206 -7.42 7.94 8.91
C ARG A 206 -7.22 7.42 7.49
N VAL A 207 -6.13 6.69 7.28
CA VAL A 207 -5.79 6.13 5.98
C VAL A 207 -5.45 4.65 6.15
N ALA A 208 -5.09 3.98 5.06
CA ALA A 208 -4.75 2.57 5.09
C ALA A 208 -5.96 1.76 5.53
N SER A 209 -5.80 0.46 5.62
CA SER A 209 -6.90 -0.38 6.02
C SER A 209 -6.64 -1.18 7.27
N ARG A 210 -7.73 -1.64 7.87
CA ARG A 210 -7.72 -2.48 9.04
C ARG A 210 -6.72 -3.62 8.74
N TYR A 211 -5.88 -3.94 9.72
CA TYR A 211 -4.86 -4.98 9.63
C TYR A 211 -3.51 -4.48 9.09
N PHE A 212 -3.53 -3.41 8.30
CA PHE A 212 -2.30 -2.89 7.70
C PHE A 212 -1.89 -1.49 8.15
N LYS A 213 -2.57 -0.95 9.15
CA LYS A 213 -2.25 0.39 9.65
C LYS A 213 -0.94 0.37 10.46
N GLY A 214 -0.06 1.29 10.14
CA GLY A 214 1.19 1.38 10.87
C GLY A 214 0.96 1.98 12.24
N PRO A 215 1.85 1.72 13.21
CA PRO A 215 1.75 2.25 14.56
C PRO A 215 1.65 3.78 14.60
N GLU A 216 2.29 4.45 13.65
CA GLU A 216 2.23 5.92 13.61
C GLU A 216 0.78 6.38 13.49
N LEU A 217 -0.02 5.62 12.73
CA LEU A 217 -1.41 5.97 12.54
C LEU A 217 -2.20 5.66 13.80
N LEU A 218 -1.87 4.53 14.42
CA LEU A 218 -2.55 4.09 15.63
C LEU A 218 -2.24 4.92 16.87
N VAL A 219 -1.16 5.69 16.83
CA VAL A 219 -0.80 6.54 17.97
C VAL A 219 -0.92 8.02 17.64
N ASP A 220 -1.50 8.32 16.49
CA ASP A 220 -1.71 9.68 16.04
C ASP A 220 -0.48 10.52 15.70
N LEU A 221 0.56 9.88 15.14
CA LEU A 221 1.73 10.63 14.73
C LEU A 221 1.41 11.03 13.28
N GLN A 222 1.11 12.32 13.09
CA GLN A 222 0.72 12.84 11.79
C GLN A 222 1.81 13.15 10.76
N ASP A 223 3.00 13.48 11.24
CA ASP A 223 4.08 13.79 10.31
C ASP A 223 4.82 12.53 9.85
N TYR A 224 4.04 11.59 9.31
CA TYR A 224 4.61 10.34 8.81
C TYR A 224 5.08 10.50 7.37
N ASP A 225 5.64 9.44 6.80
CA ASP A 225 6.15 9.52 5.43
C ASP A 225 6.04 8.21 4.64
N TYR A 226 6.86 8.08 3.60
CA TYR A 226 6.84 6.89 2.75
C TYR A 226 6.95 5.59 3.55
N SER A 227 7.63 5.65 4.69
CA SER A 227 7.85 4.49 5.55
C SER A 227 6.56 3.80 6.01
N LEU A 228 5.45 4.52 5.97
CA LEU A 228 4.16 3.96 6.36
C LEU A 228 3.85 2.76 5.46
N ASP A 229 4.13 2.92 4.15
CA ASP A 229 3.86 1.84 3.20
C ASP A 229 4.71 0.61 3.47
N MET A 230 5.88 0.82 4.06
CA MET A 230 6.76 -0.30 4.34
C MET A 230 6.25 -1.15 5.50
N TRP A 231 5.47 -0.55 6.39
CA TRP A 231 4.90 -1.34 7.49
C TRP A 231 3.80 -2.20 6.89
N SER A 232 2.96 -1.57 6.07
CA SER A 232 1.87 -2.27 5.41
C SER A 232 2.43 -3.44 4.61
N LEU A 233 3.49 -3.15 3.86
CA LEU A 233 4.15 -4.18 3.08
C LEU A 233 4.59 -5.32 3.98
N GLY A 234 5.16 -4.99 5.13
CA GLY A 234 5.61 -5.99 6.08
C GLY A 234 4.45 -6.86 6.57
N CYS A 235 3.30 -6.24 6.81
CA CYS A 235 2.14 -6.97 7.27
C CYS A 235 1.73 -7.97 6.19
N MET A 236 1.76 -7.50 4.95
CA MET A 236 1.40 -8.33 3.81
C MET A 236 2.38 -9.50 3.72
N PHE A 237 3.67 -9.17 3.78
CA PHE A 237 4.72 -10.16 3.72
C PHE A 237 4.61 -11.21 4.83
N ALA A 238 4.32 -10.74 6.03
CA ALA A 238 4.17 -11.64 7.19
C ALA A 238 3.04 -12.64 6.94
N GLY A 239 1.92 -12.13 6.45
CA GLY A 239 0.78 -12.98 6.17
C GLY A 239 1.14 -14.05 5.17
N MET A 240 1.90 -13.68 4.15
CA MET A 240 2.31 -14.62 3.12
C MET A 240 3.23 -15.73 3.62
N ILE A 241 4.35 -15.38 4.24
CA ILE A 241 5.26 -16.42 4.71
C ILE A 241 4.72 -17.25 5.87
N PHE A 242 3.92 -16.64 6.73
CA PHE A 242 3.38 -17.39 7.87
C PHE A 242 2.03 -18.06 7.57
N ARG A 243 1.47 -17.81 6.40
CA ARG A 243 0.19 -18.41 6.03
C ARG A 243 -0.89 -18.01 7.02
N LYS A 244 -0.87 -16.75 7.43
CA LYS A 244 -1.86 -16.23 8.37
C LYS A 244 -2.41 -14.93 7.81
N GLU A 245 -3.64 -14.99 7.31
CA GLU A 245 -4.29 -13.84 6.70
C GLU A 245 -5.47 -13.35 7.53
N PRO A 246 -5.38 -12.13 8.10
CA PRO A 246 -4.24 -11.22 8.02
C PRO A 246 -3.29 -11.57 9.15
N PHE A 247 -2.09 -11.00 9.14
CA PHE A 247 -1.15 -11.31 10.21
C PHE A 247 -1.60 -10.72 11.54
N PHE A 248 -1.92 -9.42 11.54
CA PHE A 248 -2.39 -8.76 12.74
C PHE A 248 -3.92 -8.67 12.61
N TYR A 249 -4.61 -9.60 13.26
CA TYR A 249 -6.07 -9.66 13.20
C TYR A 249 -6.72 -8.89 14.34
N GLY A 250 -6.86 -7.58 14.16
CA GLY A 250 -7.46 -6.74 15.16
C GLY A 250 -8.77 -6.16 14.65
N HIS A 251 -9.61 -5.70 15.56
CA HIS A 251 -10.89 -5.14 15.18
C HIS A 251 -10.78 -3.63 15.01
N ASP A 252 -10.99 -2.87 16.07
CA ASP A 252 -10.89 -1.41 15.96
C ASP A 252 -9.43 -0.96 16.03
N ASN A 253 -9.21 0.34 15.87
CA ASN A 253 -7.85 0.89 15.91
C ASN A 253 -7.13 0.63 17.22
N HIS A 254 -7.85 0.66 18.34
CA HIS A 254 -7.21 0.42 19.63
C HIS A 254 -6.76 -1.04 19.68
N ASP A 255 -7.65 -1.92 19.28
CA ASP A 255 -7.34 -3.35 19.28
C ASP A 255 -6.22 -3.66 18.31
N GLN A 256 -6.20 -2.97 17.17
CA GLN A 256 -5.15 -3.20 16.18
C GLN A 256 -3.79 -2.92 16.80
N LEU A 257 -3.72 -1.89 17.63
CA LEU A 257 -2.45 -1.56 18.27
C LEU A 257 -2.08 -2.60 19.32
N VAL A 258 -3.06 -3.09 20.06
CA VAL A 258 -2.82 -4.10 21.08
C VAL A 258 -2.27 -5.38 20.44
N LYS A 259 -2.82 -5.73 19.28
CA LYS A 259 -2.38 -6.94 18.58
C LYS A 259 -0.91 -6.83 18.16
N ILE A 260 -0.48 -5.62 17.82
CA ILE A 260 0.90 -5.40 17.42
C ILE A 260 1.80 -5.50 18.66
N ALA A 261 1.37 -4.87 19.76
CA ALA A 261 2.14 -4.89 21.00
C ALA A 261 2.40 -6.28 21.55
N LYS A 262 1.42 -7.17 21.46
CA LYS A 262 1.59 -8.53 21.97
C LYS A 262 2.56 -9.36 21.13
N VAL A 263 3.10 -8.78 20.07
CA VAL A 263 4.06 -9.49 19.22
C VAL A 263 5.41 -8.80 19.30
N LEU A 264 5.40 -7.48 19.06
CA LEU A 264 6.63 -6.70 19.10
C LEU A 264 7.07 -6.33 20.51
N GLY A 265 6.17 -6.47 21.47
CA GLY A 265 6.49 -6.13 22.84
C GLY A 265 6.22 -4.66 23.12
N THR A 266 5.88 -4.35 24.37
CA THR A 266 5.57 -2.98 24.76
C THR A 266 6.79 -2.12 25.02
N ASP A 267 7.95 -2.75 25.20
CA ASP A 267 9.18 -1.99 25.45
C ASP A 267 9.46 -1.13 24.23
N GLY A 268 9.41 -1.75 23.05
CA GLY A 268 9.66 -1.02 21.82
C GLY A 268 8.65 0.09 21.65
N LEU A 269 7.42 -0.19 22.04
CA LEU A 269 6.34 0.79 21.92
C LEU A 269 6.61 2.00 22.81
N ASN A 270 7.00 1.74 24.06
CA ASN A 270 7.29 2.80 25.01
C ASN A 270 8.47 3.64 24.51
N ALA A 271 9.51 2.97 24.03
CA ALA A 271 10.68 3.67 23.52
C ALA A 271 10.24 4.56 22.36
N TYR A 272 9.40 3.98 21.50
CA TYR A 272 8.87 4.68 20.33
C TYR A 272 8.11 5.93 20.75
N LEU A 273 7.15 5.77 21.65
CA LEU A 273 6.35 6.87 22.13
C LEU A 273 7.22 7.96 22.76
N ASN A 274 8.25 7.55 23.49
CA ASN A 274 9.15 8.50 24.14
C ASN A 274 9.95 9.30 23.13
N LYS A 275 10.47 8.64 22.11
CA LYS A 275 11.26 9.29 21.09
C LYS A 275 10.50 10.43 20.42
N TYR A 276 9.22 10.21 20.13
CA TYR A 276 8.41 11.22 19.47
C TYR A 276 7.48 11.96 20.42
N ARG A 277 7.76 11.84 21.71
CA ARG A 277 6.98 12.50 22.76
C ARG A 277 5.49 12.39 22.50
N ILE A 278 5.04 11.14 22.35
CA ILE A 278 3.64 10.84 22.12
C ILE A 278 3.05 10.20 23.36
N GLU A 279 1.85 10.63 23.73
CA GLU A 279 1.18 10.10 24.89
C GLU A 279 -0.09 9.41 24.40
N LEU A 280 -0.29 8.15 24.77
CA LEU A 280 -1.46 7.40 24.35
C LEU A 280 -2.68 7.79 25.17
N ASP A 281 -3.87 7.65 24.58
CA ASP A 281 -5.10 7.95 25.30
C ASP A 281 -5.11 6.97 26.46
N PRO A 282 -5.50 7.45 27.66
CA PRO A 282 -5.56 6.61 28.87
C PRO A 282 -6.19 5.24 28.65
N GLN A 283 -7.34 5.22 27.98
CA GLN A 283 -8.04 3.97 27.71
C GLN A 283 -7.18 3.03 26.87
N LEU A 284 -6.53 3.59 25.86
CA LEU A 284 -5.67 2.82 24.98
C LEU A 284 -4.48 2.25 25.73
N GLU A 285 -3.81 3.09 26.51
CA GLU A 285 -2.66 2.63 27.28
C GLU A 285 -3.07 1.46 28.17
N ALA A 286 -4.28 1.55 28.71
CA ALA A 286 -4.79 0.49 29.59
C ALA A 286 -4.98 -0.81 28.82
N LEU A 287 -5.49 -0.70 27.59
CA LEU A 287 -5.72 -1.86 26.76
C LEU A 287 -4.43 -2.52 26.32
N VAL A 288 -3.46 -1.70 25.90
CA VAL A 288 -2.17 -2.21 25.44
C VAL A 288 -1.47 -3.01 26.55
N GLY A 289 -1.53 -2.51 27.78
CA GLY A 289 -0.90 -3.20 28.89
C GLY A 289 0.60 -3.37 28.77
N ARG A 290 1.09 -4.53 29.18
CA ARG A 290 2.52 -4.83 29.13
C ARG A 290 2.70 -6.20 28.51
N HIS A 291 3.55 -6.30 27.49
CA HIS A 291 3.80 -7.56 26.81
C HIS A 291 5.26 -7.68 26.39
N SER A 292 5.76 -8.90 26.39
CA SER A 292 7.14 -9.15 26.00
C SER A 292 7.15 -9.37 24.49
N ARG A 293 8.33 -9.26 23.88
CA ARG A 293 8.46 -9.47 22.44
C ARG A 293 8.47 -10.95 22.14
N LYS A 294 7.70 -11.35 21.12
CA LYS A 294 7.62 -12.75 20.74
C LYS A 294 8.41 -13.02 19.46
N PRO A 295 9.49 -13.82 19.55
CA PRO A 295 10.31 -14.14 18.38
C PRO A 295 9.45 -14.52 17.19
N TRP A 296 9.91 -14.15 16.00
CA TRP A 296 9.19 -14.44 14.77
C TRP A 296 9.00 -15.94 14.53
N LEU A 297 9.93 -16.74 15.04
CA LEU A 297 9.86 -18.19 14.86
C LEU A 297 8.72 -18.84 15.64
N LYS A 298 8.17 -18.12 16.61
CA LYS A 298 7.08 -18.66 17.39
C LYS A 298 5.86 -18.84 16.50
N PHE A 299 5.89 -18.21 15.32
CA PHE A 299 4.78 -18.29 14.37
C PHE A 299 4.96 -19.35 13.30
N MET A 300 6.05 -20.10 13.37
CA MET A 300 6.31 -21.15 12.38
C MET A 300 5.52 -22.41 12.69
N ASN A 301 5.12 -23.12 11.64
CA ASN A 301 4.38 -24.37 11.78
C ASN A 301 4.42 -25.16 10.48
N ALA A 302 4.10 -26.45 10.57
CA ALA A 302 4.11 -27.35 9.42
C ALA A 302 3.40 -26.80 8.18
N ASP A 303 2.57 -25.79 8.36
CA ASP A 303 1.85 -25.21 7.24
C ASP A 303 2.71 -24.17 6.51
N ASN A 304 3.56 -23.46 7.25
CA ASN A 304 4.39 -22.42 6.66
C ASN A 304 5.90 -22.68 6.71
N GLN A 305 6.29 -23.74 7.40
CA GLN A 305 7.70 -24.08 7.54
C GLN A 305 8.54 -23.97 6.25
N HIS A 306 7.94 -24.35 5.12
CA HIS A 306 8.67 -24.27 3.85
C HIS A 306 8.77 -22.83 3.34
N LEU A 307 8.51 -21.86 4.20
CA LEU A 307 8.58 -20.46 3.79
C LEU A 307 9.26 -19.54 4.80
N VAL A 308 9.49 -20.04 6.00
CA VAL A 308 10.10 -19.22 7.05
C VAL A 308 11.62 -19.27 7.13
N SER A 309 12.29 -19.11 5.99
CA SER A 309 13.74 -19.12 5.96
C SER A 309 14.31 -17.95 6.77
N PRO A 310 15.55 -18.08 7.28
CA PRO A 310 16.17 -17.02 8.06
C PRO A 310 16.26 -15.69 7.32
N GLU A 311 16.37 -15.75 6.00
CA GLU A 311 16.45 -14.53 5.21
C GLU A 311 15.08 -13.86 5.24
N ALA A 312 14.04 -14.67 5.11
CA ALA A 312 12.67 -14.15 5.15
C ALA A 312 12.43 -13.47 6.47
N ILE A 313 12.83 -14.14 7.55
CA ILE A 313 12.66 -13.59 8.89
C ILE A 313 13.48 -12.31 9.08
N ASP A 314 14.71 -12.30 8.58
CA ASP A 314 15.55 -11.11 8.73
C ASP A 314 14.90 -9.92 8.02
N PHE A 315 14.44 -10.16 6.79
CA PHE A 315 13.81 -9.11 6.00
C PHE A 315 12.55 -8.59 6.71
N LEU A 316 11.68 -9.51 7.15
CA LEU A 316 10.45 -9.13 7.84
C LEU A 316 10.76 -8.28 9.05
N ASP A 317 11.71 -8.74 9.87
CA ASP A 317 12.08 -8.03 11.07
C ASP A 317 12.50 -6.59 10.82
N LYS A 318 13.13 -6.34 9.68
CA LYS A 318 13.59 -5.01 9.33
C LYS A 318 12.46 -4.14 8.77
N LEU A 319 11.30 -4.75 8.55
CA LEU A 319 10.15 -4.02 8.03
C LEU A 319 9.21 -3.63 9.17
N LEU A 320 8.90 -4.62 10.02
CA LEU A 320 8.00 -4.40 11.12
C LEU A 320 8.66 -3.82 12.37
N ARG A 321 8.94 -2.52 12.31
CA ARG A 321 9.56 -1.79 13.42
C ARG A 321 8.59 -0.68 13.81
N TYR A 322 8.38 -0.49 15.12
CA TYR A 322 7.49 0.58 15.57
C TYR A 322 7.97 1.88 14.94
N ASP A 323 9.23 2.22 15.21
CA ASP A 323 9.80 3.45 14.68
C ASP A 323 9.85 3.43 13.16
N HIS A 324 8.99 4.21 12.54
CA HIS A 324 8.95 4.29 11.09
C HIS A 324 10.31 4.66 10.50
N GLN A 325 11.09 5.46 11.23
CA GLN A 325 12.41 5.86 10.73
C GLN A 325 13.41 4.70 10.67
N GLU A 326 13.13 3.64 11.42
CA GLU A 326 14.00 2.47 11.47
C GLU A 326 13.77 1.49 10.32
N ARG A 327 12.57 1.50 9.76
CA ARG A 327 12.23 0.57 8.69
C ARG A 327 13.06 0.71 7.43
N LEU A 328 13.20 -0.41 6.71
CA LEU A 328 13.94 -0.42 5.46
C LEU A 328 13.17 0.45 4.49
N THR A 329 13.89 1.13 3.62
CA THR A 329 13.25 1.94 2.59
C THR A 329 12.99 0.89 1.50
N ALA A 330 12.15 1.23 0.52
CA ALA A 330 11.86 0.29 -0.56
C ALA A 330 13.13 -0.07 -1.32
N LEU A 331 13.97 0.93 -1.56
CA LEU A 331 15.22 0.71 -2.28
C LEU A 331 16.08 -0.30 -1.51
N GLU A 332 16.24 -0.08 -0.20
CA GLU A 332 17.03 -1.01 0.62
C GLU A 332 16.42 -2.41 0.58
N ALA A 333 15.11 -2.47 0.78
CA ALA A 333 14.41 -3.76 0.78
C ALA A 333 14.74 -4.59 -0.47
N MET A 334 14.74 -3.96 -1.63
CA MET A 334 15.04 -4.66 -2.89
C MET A 334 16.40 -5.31 -2.95
N THR A 335 17.38 -4.73 -2.26
CA THR A 335 18.74 -5.27 -2.26
C THR A 335 19.00 -6.30 -1.17
N HIS A 336 18.02 -6.53 -0.30
CA HIS A 336 18.20 -7.52 0.76
C HIS A 336 18.49 -8.89 0.14
N PRO A 337 19.44 -9.65 0.73
CA PRO A 337 19.83 -10.99 0.25
C PRO A 337 18.66 -11.93 0.00
N TYR A 338 17.53 -11.65 0.66
CA TYR A 338 16.34 -12.48 0.50
C TYR A 338 15.88 -12.49 -0.96
N PHE A 339 16.19 -11.41 -1.68
CA PHE A 339 15.80 -11.27 -3.09
C PHE A 339 16.91 -11.57 -4.09
N GLN A 340 18.06 -12.00 -3.60
CA GLN A 340 19.20 -12.26 -4.47
C GLN A 340 18.92 -13.10 -5.72
N GLN A 341 18.07 -14.12 -5.61
CA GLN A 341 17.78 -14.95 -6.78
C GLN A 341 16.91 -14.20 -7.78
N VAL A 342 15.90 -13.50 -7.28
CA VAL A 342 15.01 -12.71 -8.12
C VAL A 342 15.86 -11.72 -8.92
N ARG A 343 16.77 -11.03 -8.25
CA ARG A 343 17.63 -10.07 -8.92
C ARG A 343 18.51 -10.73 -9.96
N ALA A 344 19.17 -11.82 -9.58
CA ALA A 344 20.05 -12.54 -10.51
C ALA A 344 19.31 -12.95 -11.77
N ALA A 345 18.06 -13.36 -11.61
CA ALA A 345 17.25 -13.77 -12.75
C ALA A 345 16.92 -12.58 -13.62
N GLU A 346 16.74 -11.43 -12.99
CA GLU A 346 16.42 -10.21 -13.71
C GLU A 346 17.64 -9.66 -14.44
N ASN A 347 18.78 -9.61 -13.74
CA ASN A 347 20.01 -9.12 -14.34
C ASN A 347 20.59 -10.12 -15.34
N SER A 348 19.70 -10.81 -16.05
CA SER A 348 20.12 -11.79 -17.04
C SER A 348 19.03 -11.98 -18.10
#